data_1VHQ
#
_entry.id   1VHQ
#
_cell.length_a   75.090
_cell.length_b   45.208
_cell.length_c   76.332
_cell.angle_alpha   90.00
_cell.angle_beta   118.78
_cell.angle_gamma   90.00
#
_symmetry.space_group_name_H-M   'P 1 21 1'
#
loop_
_entity.id
_entity.type
_entity.pdbx_description
1 polymer 'Enhancing lycopene biosynthesis protein 2'
2 non-polymer 'ACETATE ION'
3 water water
#
_entity_poly.entity_id   1
_entity_poly.type   'polypeptide(L)'
_entity_poly.pdbx_seq_one_letter_code
;(MSE)SLIT(MSE)KKIGVILSGCGVYDGSEIHEAVLTLLAISRSGAQAVCFAPDKQQVDVINHLTGEA(MSE)TETRNV
LIEAARITRGEIRPLAQADAAELDALIVPGGFGAAKNLSNFASLGSECTVDRELKALAQA(MSE)HQAGKPLGF(MSE)
(CSO)IAPA(MSE)LPKIFDFPLRLTIGTDIDTAEVLEE(MSE)GAEHVPCPVDDIVVDEDNKIVTTPAY(MSE)LAQNI
AEAASGIDKLVSRVLVLAEEGGSHHHHHH
;
_entity_poly.pdbx_strand_id   A,B
#
# COMPACT_ATOMS: atom_id res chain seq x y z
N LYS A 7 11.32 6.77 -18.32
CA LYS A 7 12.46 6.10 -17.67
C LYS A 7 11.88 4.85 -17.01
N LYS A 8 12.60 3.75 -17.02
CA LYS A 8 12.07 2.51 -16.43
C LYS A 8 12.76 2.33 -15.09
N ILE A 9 11.95 2.42 -14.02
CA ILE A 9 12.52 2.34 -12.68
C ILE A 9 12.21 0.99 -12.07
N GLY A 10 13.28 0.23 -11.80
CA GLY A 10 13.08 -1.10 -11.22
C GLY A 10 12.85 -0.94 -9.70
N VAL A 11 11.78 -1.63 -9.30
CA VAL A 11 11.37 -1.58 -7.87
C VAL A 11 11.47 -2.99 -7.33
N ILE A 12 12.30 -3.20 -6.30
CA ILE A 12 12.48 -4.56 -5.79
C ILE A 12 11.67 -4.69 -4.49
N LEU A 13 10.81 -5.69 -4.49
CA LEU A 13 9.97 -5.95 -3.29
C LEU A 13 10.38 -7.25 -2.63
N SER A 14 10.06 -7.44 -1.34
CA SER A 14 10.45 -8.56 -0.55
C SER A 14 9.30 -9.30 0.16
N GLY A 15 8.09 -9.02 -0.21
CA GLY A 15 6.92 -9.65 0.44
C GLY A 15 5.85 -8.51 0.50
N CYS A 16 4.87 -8.67 1.37
CA CYS A 16 3.81 -7.65 1.42
C CYS A 16 3.44 -7.37 2.89
N GLY A 17 4.18 -6.46 3.49
CA GLY A 17 3.93 -6.13 4.92
C GLY A 17 5.21 -5.86 5.64
N VAL A 18 5.26 -4.79 6.47
CA VAL A 18 6.44 -4.41 7.16
C VAL A 18 7.21 -5.45 7.92
N TYR A 19 6.49 -6.38 8.63
CA TYR A 19 7.28 -7.30 9.43
C TYR A 19 7.88 -8.49 8.69
N ASP A 20 7.38 -8.83 7.53
CA ASP A 20 7.94 -10.02 6.85
C ASP A 20 8.04 -9.83 5.36
N GLY A 21 8.10 -8.58 4.91
CA GLY A 21 8.11 -8.30 3.47
C GLY A 21 8.41 -6.78 3.28
N SER A 22 7.83 -6.26 2.17
CA SER A 22 8.10 -4.82 1.95
C SER A 22 7.09 -3.96 2.78
N GLU A 23 7.62 -2.85 3.32
CA GLU A 23 6.75 -1.89 4.04
C GLU A 23 5.68 -1.45 3.02
N ILE A 24 4.42 -1.72 3.25
CA ILE A 24 3.38 -1.43 2.25
C ILE A 24 3.27 0.06 1.95
N HIS A 25 3.20 0.90 2.95
CA HIS A 25 3.16 2.36 2.65
C HIS A 25 4.41 2.78 1.87
N GLU A 26 5.61 2.34 2.23
CA GLU A 26 6.81 2.75 1.48
C GLU A 26 6.73 2.30 0.02
N ALA A 27 6.36 1.03 -0.17
CA ALA A 27 6.27 0.54 -1.58
C ALA A 27 5.26 1.30 -2.38
N VAL A 28 4.08 1.58 -1.86
CA VAL A 28 3.02 2.29 -2.59
C VAL A 28 3.42 3.74 -2.82
N LEU A 29 3.99 4.38 -1.79
CA LEU A 29 4.43 5.78 -1.97
C LEU A 29 5.53 5.87 -3.04
N THR A 30 6.36 4.84 -3.14
CA THR A 30 7.43 4.81 -4.16
C THR A 30 6.77 4.73 -5.53
N LEU A 31 5.78 3.84 -5.67
CA LEU A 31 5.06 3.71 -6.95
C LEU A 31 4.35 5.01 -7.28
N LEU A 32 3.73 5.65 -6.29
CA LEU A 32 3.01 6.89 -6.52
C LEU A 32 3.94 7.99 -7.04
N ALA A 33 5.09 8.15 -6.37
CA ALA A 33 6.05 9.18 -6.84
C ALA A 33 6.59 8.85 -8.22
N ILE A 34 6.86 7.59 -8.54
CA ILE A 34 7.35 7.24 -9.87
C ILE A 34 6.28 7.59 -10.92
N SER A 35 5.05 7.11 -10.69
CA SER A 35 3.95 7.36 -11.61
C SER A 35 3.62 8.83 -11.77
N ARG A 36 3.55 9.58 -10.69
CA ARG A 36 3.25 11.01 -10.75
C ARG A 36 4.33 11.79 -11.52
N SER A 37 5.58 11.35 -11.43
CA SER A 37 6.69 12.02 -12.09
C SER A 37 6.86 11.66 -13.56
N GLY A 38 5.95 10.93 -14.15
CA GLY A 38 5.98 10.52 -15.54
C GLY A 38 6.92 9.41 -15.88
N ALA A 39 7.24 8.52 -14.93
CA ALA A 39 8.13 7.41 -15.16
C ALA A 39 7.40 6.07 -14.99
N GLN A 40 8.05 5.00 -15.41
CA GLN A 40 7.45 3.69 -15.35
C GLN A 40 8.11 2.74 -14.35
N ALA A 41 7.29 2.30 -13.39
CA ALA A 41 7.78 1.33 -12.40
C ALA A 41 7.81 -0.07 -13.03
N VAL A 42 8.89 -0.78 -12.81
CA VAL A 42 9.08 -2.14 -13.29
C VAL A 42 9.40 -2.97 -12.04
N CYS A 43 8.41 -3.76 -11.58
CA CYS A 43 8.61 -4.46 -10.32
C CYS A 43 9.06 -5.88 -10.37
N PHE A 44 9.91 -6.29 -9.43
CA PHE A 44 10.41 -7.62 -9.25
C PHE A 44 10.46 -8.03 -7.77
N ALA A 45 10.51 -9.32 -7.51
CA ALA A 45 10.74 -9.85 -6.14
C ALA A 45 11.40 -11.24 -6.37
N PRO A 46 12.26 -11.67 -5.49
CA PRO A 46 12.88 -12.99 -5.64
C PRO A 46 11.81 -14.06 -5.48
N ASP A 47 11.93 -15.10 -6.35
CA ASP A 47 10.93 -16.18 -6.25
C ASP A 47 11.47 -17.22 -5.27
N LYS A 48 11.16 -17.04 -4.01
CA LYS A 48 11.58 -17.94 -2.94
C LYS A 48 10.64 -17.76 -1.76
N GLN A 49 10.69 -18.73 -0.84
CA GLN A 49 9.85 -18.67 0.34
C GLN A 49 10.35 -17.61 1.32
N GLN A 50 9.37 -16.88 1.90
CA GLN A 50 9.75 -15.91 2.90
C GLN A 50 10.41 -16.63 4.06
N VAL A 51 11.32 -16.02 4.79
CA VAL A 51 11.94 -16.70 5.93
C VAL A 51 10.93 -16.89 7.08
N ASP A 52 9.92 -16.00 7.15
CA ASP A 52 8.88 -16.12 8.17
C ASP A 52 7.61 -15.43 7.69
N VAL A 53 6.54 -15.64 8.45
CA VAL A 53 5.23 -15.05 8.23
C VAL A 53 4.82 -14.45 9.60
N ILE A 54 4.54 -13.17 9.63
CA ILE A 54 4.21 -12.51 10.89
C ILE A 54 2.78 -11.99 10.88
N ASN A 55 2.10 -12.29 12.02
CA ASN A 55 0.75 -11.78 12.21
C ASN A 55 0.96 -10.29 12.56
N HIS A 56 0.53 -9.39 11.66
CA HIS A 56 0.76 -7.96 11.84
C HIS A 56 -0.16 -7.35 12.90
N LEU A 57 -1.14 -8.11 13.35
CA LEU A 57 -2.02 -7.58 14.42
C LEU A 57 -1.31 -7.79 15.75
N THR A 58 -0.69 -8.97 15.89
CA THR A 58 -0.06 -9.29 17.19
C THR A 58 1.43 -9.24 17.21
N GLY A 59 2.10 -9.28 16.05
CA GLY A 59 3.54 -9.27 15.93
C GLY A 59 4.12 -10.67 16.11
N GLU A 60 3.26 -11.67 16.32
CA GLU A 60 3.72 -13.02 16.50
C GLU A 60 4.00 -13.76 15.19
N ALA A 61 4.97 -14.64 15.27
CA ALA A 61 5.31 -15.49 14.14
C ALA A 61 4.21 -16.51 13.92
N THR A 63 2.50 -20.09 12.03
CA THR A 63 2.98 -21.40 11.58
C THR A 63 2.43 -21.70 10.19
N GLU A 64 2.80 -20.91 9.22
CA GLU A 64 2.43 -21.08 7.84
C GLU A 64 3.63 -20.50 7.03
N THR A 65 3.61 -20.85 5.75
CA THR A 65 4.69 -20.37 4.89
C THR A 65 4.09 -19.66 3.69
N ARG A 66 4.84 -18.64 3.21
CA ARG A 66 4.35 -17.87 2.06
C ARG A 66 5.56 -17.58 1.15
N ASN A 67 5.28 -17.36 -0.11
CA ASN A 67 6.28 -17.06 -1.14
C ASN A 67 6.43 -15.55 -1.35
N VAL A 68 7.67 -15.07 -1.27
CA VAL A 68 7.95 -13.62 -1.43
C VAL A 68 7.31 -13.03 -2.65
N LEU A 69 7.46 -13.65 -3.82
CA LEU A 69 6.93 -13.12 -5.06
C LEU A 69 5.43 -13.12 -5.12
N ILE A 70 4.77 -14.24 -4.73
CA ILE A 70 3.34 -14.31 -4.75
C ILE A 70 2.77 -13.22 -3.80
N GLU A 71 3.44 -13.02 -2.67
CA GLU A 71 2.89 -11.99 -1.75
C GLU A 71 3.13 -10.59 -2.27
N ALA A 72 4.29 -10.37 -2.88
CA ALA A 72 4.61 -9.03 -3.41
C ALA A 72 3.78 -8.61 -4.58
N ALA A 73 3.13 -9.62 -5.22
CA ALA A 73 2.24 -9.40 -6.36
C ALA A 73 0.97 -8.67 -5.89
N ARG A 74 0.72 -8.73 -4.58
CA ARG A 74 -0.46 -8.03 -4.03
C ARG A 74 -0.29 -6.53 -4.13
N ILE A 75 0.90 -6.01 -3.85
CA ILE A 75 1.20 -4.59 -3.87
C ILE A 75 1.17 -4.02 -5.31
N THR A 76 1.51 -4.90 -6.26
CA THR A 76 1.60 -4.51 -7.65
C THR A 76 0.45 -4.94 -8.53
N ARG A 77 -0.65 -5.39 -7.95
CA ARG A 77 -1.84 -5.80 -8.73
C ARG A 77 -1.45 -6.84 -9.78
N GLY A 78 -0.52 -7.73 -9.44
CA GLY A 78 -0.05 -8.78 -10.33
C GLY A 78 1.03 -8.37 -11.31
N GLU A 79 1.38 -7.10 -11.39
CA GLU A 79 2.38 -6.57 -12.30
C GLU A 79 3.79 -6.66 -11.73
N ILE A 80 4.33 -7.88 -11.75
CA ILE A 80 5.65 -8.16 -11.16
C ILE A 80 6.23 -9.43 -11.74
N ARG A 81 7.55 -9.51 -11.76
CA ARG A 81 8.25 -10.69 -12.25
C ARG A 81 9.25 -11.18 -11.24
N PRO A 82 9.70 -12.40 -11.38
CA PRO A 82 10.76 -12.95 -10.55
C PRO A 82 11.99 -12.06 -10.71
N LEU A 83 12.77 -11.91 -9.65
CA LEU A 83 13.98 -11.09 -9.68
C LEU A 83 14.98 -11.64 -10.69
N ALA A 84 14.94 -12.96 -10.90
CA ALA A 84 15.85 -13.57 -11.87
C ALA A 84 15.68 -12.96 -13.26
N GLN A 85 14.53 -12.44 -13.62
CA GLN A 85 14.25 -11.85 -14.91
C GLN A 85 14.65 -10.39 -15.04
N ALA A 86 15.13 -9.79 -13.94
CA ALA A 86 15.51 -8.38 -13.98
C ALA A 86 16.82 -8.24 -14.76
N ASP A 87 16.82 -7.35 -15.73
CA ASP A 87 17.96 -7.09 -16.60
C ASP A 87 18.39 -5.64 -16.52
N ALA A 88 19.57 -5.38 -15.97
CA ALA A 88 20.06 -4.02 -15.82
C ALA A 88 19.99 -3.18 -17.09
N ALA A 89 20.26 -3.77 -18.24
CA ALA A 89 20.22 -3.07 -19.52
C ALA A 89 18.87 -2.53 -19.91
N GLU A 90 17.77 -3.04 -19.31
CA GLU A 90 16.43 -2.62 -19.58
C GLU A 90 15.91 -1.65 -18.50
N LEU A 91 16.78 -1.23 -17.60
CA LEU A 91 16.33 -0.33 -16.52
C LEU A 91 17.15 0.95 -16.44
N ASP A 92 16.56 2.05 -16.01
CA ASP A 92 17.26 3.31 -15.87
C ASP A 92 17.67 3.65 -14.45
N ALA A 93 17.04 2.96 -13.49
CA ALA A 93 17.34 3.24 -12.06
C ALA A 93 16.75 2.06 -11.26
N LEU A 94 17.14 1.95 -10.01
CA LEU A 94 16.61 0.81 -9.22
C LEU A 94 16.27 1.39 -7.86
N ILE A 95 15.10 1.06 -7.30
CA ILE A 95 14.76 1.57 -5.97
C ILE A 95 14.29 0.39 -5.09
N VAL A 96 14.81 0.38 -3.86
CA VAL A 96 14.43 -0.72 -2.95
C VAL A 96 13.69 -0.17 -1.72
N PRO A 97 12.37 -0.29 -1.69
CA PRO A 97 11.57 0.10 -0.55
C PRO A 97 12.01 -0.72 0.66
N GLY A 98 11.70 -0.23 1.86
CA GLY A 98 12.13 -0.90 3.07
C GLY A 98 11.16 -1.98 3.59
N GLY A 99 11.11 -2.02 4.94
CA GLY A 99 10.31 -3.11 5.57
C GLY A 99 11.33 -4.17 6.02
N PHE A 100 10.97 -5.00 7.02
CA PHE A 100 11.84 -6.02 7.55
C PHE A 100 12.20 -7.07 6.50
N GLY A 101 11.37 -7.22 5.46
CA GLY A 101 11.66 -8.13 4.36
C GLY A 101 13.02 -7.79 3.75
N ALA A 102 13.41 -6.50 3.70
CA ALA A 102 14.74 -6.16 3.20
C ALA A 102 15.85 -6.79 4.00
N ALA A 103 15.69 -7.00 5.32
CA ALA A 103 16.62 -7.55 6.23
C ALA A 103 16.45 -9.07 6.45
N LYS A 104 15.45 -9.61 5.81
CA LYS A 104 15.14 -11.05 5.96
C LYS A 104 15.08 -11.77 4.66
N ASN A 105 14.53 -11.27 3.58
CA ASN A 105 14.36 -11.90 2.29
C ASN A 105 15.31 -11.38 1.21
N LEU A 106 15.73 -10.13 1.32
CA LEU A 106 16.68 -9.60 0.34
C LEU A 106 18.10 -9.77 0.86
N SER A 107 18.25 -10.01 2.14
CA SER A 107 19.48 -10.21 2.88
C SER A 107 19.20 -10.93 4.19
N ASN A 108 20.23 -11.25 4.96
CA ASN A 108 19.99 -11.84 6.26
C ASN A 108 20.52 -10.91 7.33
N PHE A 109 20.47 -9.59 7.04
CA PHE A 109 20.91 -8.61 8.03
C PHE A 109 20.22 -8.78 9.38
N ALA A 110 18.93 -9.16 9.37
CA ALA A 110 18.18 -9.29 10.61
C ALA A 110 18.83 -10.27 11.59
N SER A 111 19.30 -11.38 11.07
CA SER A 111 19.90 -12.42 11.88
C SER A 111 21.41 -12.39 11.93
N LEU A 112 22.08 -11.77 10.96
CA LEU A 112 23.54 -11.76 10.98
C LEU A 112 24.19 -10.41 11.13
N GLY A 113 23.44 -9.31 11.02
CA GLY A 113 24.05 -7.99 11.17
C GLY A 113 25.22 -7.77 10.26
N SER A 114 26.34 -7.32 10.83
CA SER A 114 27.56 -7.04 10.11
C SER A 114 28.16 -8.26 9.42
N GLU A 115 27.76 -9.49 9.68
CA GLU A 115 28.29 -10.64 8.95
C GLU A 115 27.33 -11.16 7.91
N CYS A 116 26.26 -10.39 7.62
CA CYS A 116 25.27 -10.80 6.65
C CYS A 116 25.72 -10.85 5.21
N THR A 117 24.88 -11.48 4.39
CA THR A 117 25.02 -11.57 2.97
C THR A 117 23.70 -11.13 2.31
N VAL A 118 23.81 -10.65 1.09
CA VAL A 118 22.70 -10.19 0.30
C VAL A 118 22.25 -11.17 -0.77
N ASP A 119 20.96 -11.23 -1.04
CA ASP A 119 20.44 -12.12 -2.09
C ASP A 119 21.36 -12.00 -3.30
N ARG A 120 21.80 -13.12 -3.89
CA ARG A 120 22.73 -13.06 -5.00
C ARG A 120 22.26 -12.34 -6.22
N GLU A 121 21.00 -12.52 -6.60
CA GLU A 121 20.42 -11.87 -7.76
C GLU A 121 20.38 -10.34 -7.53
N LEU A 122 19.90 -9.96 -6.34
CA LEU A 122 19.85 -8.53 -6.04
C LEU A 122 21.23 -7.90 -6.09
N LYS A 123 22.22 -8.53 -5.44
CA LYS A 123 23.57 -7.98 -5.45
C LYS A 123 24.09 -7.81 -6.87
N ALA A 124 23.87 -8.88 -7.67
CA ALA A 124 24.37 -8.82 -9.05
C ALA A 124 23.72 -7.72 -9.87
N LEU A 125 22.42 -7.54 -9.72
CA LEU A 125 21.68 -6.51 -10.42
C LEU A 125 22.10 -5.13 -9.93
N ALA A 126 22.31 -4.97 -8.60
CA ALA A 126 22.76 -3.66 -8.11
C ALA A 126 24.16 -3.35 -8.69
N GLN A 127 25.08 -4.31 -8.67
CA GLN A 127 26.43 -4.10 -9.21
C GLN A 127 26.41 -3.76 -10.68
N ALA A 128 25.52 -4.36 -11.44
CA ALA A 128 25.44 -4.09 -12.87
C ALA A 128 24.94 -2.68 -13.11
N HIS A 130 25.27 -0.10 -11.08
CA HIS A 130 26.31 0.83 -10.66
C HIS A 130 27.45 0.82 -11.70
N GLN A 131 27.81 -0.32 -12.22
CA GLN A 131 28.82 -0.38 -13.29
C GLN A 131 28.39 0.43 -14.51
N ALA A 132 27.10 0.54 -14.82
CA ALA A 132 26.57 1.31 -15.92
C ALA A 132 26.29 2.77 -15.58
N GLY A 133 26.60 3.20 -14.37
CA GLY A 133 26.37 4.56 -13.93
C GLY A 133 24.91 4.94 -13.74
N LYS A 134 24.08 3.95 -13.37
CA LYS A 134 22.64 4.19 -13.15
C LYS A 134 22.42 4.29 -11.64
N PRO A 135 21.54 5.20 -11.21
CA PRO A 135 21.33 5.43 -9.80
C PRO A 135 20.50 4.37 -9.07
N LEU A 136 20.83 4.27 -7.76
CA LEU A 136 20.13 3.32 -6.90
C LEU A 136 19.53 4.09 -5.71
N GLY A 137 18.35 3.66 -5.27
CA GLY A 137 17.73 4.34 -4.11
C GLY A 137 17.28 3.24 -3.10
N PHE A 138 17.77 3.36 -1.87
CA PHE A 138 17.44 2.39 -0.81
C PHE A 138 16.86 3.20 0.34
N ILE A 141 15.49 0.24 6.36
CA ILE A 141 16.63 -0.60 6.73
C ILE A 141 17.36 -1.15 5.50
N ALA A 142 16.84 -0.89 4.29
CA ALA A 142 17.50 -1.40 3.08
C ALA A 142 18.93 -0.93 2.92
N PRO A 143 19.34 0.28 3.26
CA PRO A 143 20.73 0.69 3.12
C PRO A 143 21.72 -0.17 3.89
N ALA A 144 21.31 -0.96 4.91
CA ALA A 144 22.21 -1.85 5.61
C ALA A 144 22.88 -2.86 4.68
N LEU A 146 24.02 -2.19 1.68
CA LEU A 146 25.03 -1.58 0.80
C LEU A 146 26.46 -1.98 1.05
N PRO A 147 26.96 -2.00 2.28
CA PRO A 147 28.35 -2.43 2.48
C PRO A 147 28.61 -3.82 1.99
N LYS A 148 27.59 -4.69 1.90
CA LYS A 148 27.78 -6.06 1.46
C LYS A 148 27.51 -6.20 -0.03
N ILE A 149 27.09 -5.14 -0.74
CA ILE A 149 26.92 -5.15 -2.18
C ILE A 149 28.18 -4.53 -2.82
N PHE A 150 28.60 -3.40 -2.26
CA PHE A 150 29.78 -2.70 -2.78
C PHE A 150 30.95 -2.80 -1.84
N ASP A 151 32.16 -3.09 -2.40
CA ASP A 151 33.35 -3.25 -1.58
C ASP A 151 34.19 -2.00 -1.41
N PHE A 152 33.55 -0.87 -1.18
CA PHE A 152 34.17 0.43 -1.00
C PHE A 152 33.20 1.25 -0.17
N PRO A 153 33.69 2.16 0.65
CA PRO A 153 32.86 2.97 1.50
C PRO A 153 31.86 3.80 0.72
N LEU A 154 30.67 3.90 1.31
CA LEU A 154 29.59 4.68 0.76
C LEU A 154 29.01 5.61 1.84
N ARG A 155 28.57 6.77 1.39
CA ARG A 155 27.87 7.69 2.29
C ARG A 155 26.39 7.26 2.27
N LEU A 156 25.85 6.93 3.43
CA LEU A 156 24.43 6.52 3.45
C LEU A 156 23.81 6.83 4.79
N THR A 157 22.50 6.60 4.91
CA THR A 157 21.80 6.81 6.16
C THR A 157 20.68 5.78 6.40
N ILE A 158 20.47 5.52 7.66
CA ILE A 158 19.32 4.73 8.12
C ILE A 158 18.52 5.62 9.08
N GLY A 159 18.88 6.93 9.12
CA GLY A 159 18.16 7.82 10.04
C GLY A 159 19.11 8.27 11.16
N THR A 160 18.77 7.97 12.40
CA THR A 160 19.57 8.40 13.54
C THR A 160 19.75 7.28 14.57
N ASP A 161 19.21 6.10 14.41
CA ASP A 161 19.38 5.02 15.38
C ASP A 161 20.85 4.78 15.72
N ILE A 162 21.21 4.94 17.01
CA ILE A 162 22.61 4.75 17.40
C ILE A 162 23.14 3.38 17.10
N ASP A 163 22.49 2.34 17.57
CA ASP A 163 22.88 0.97 17.36
C ASP A 163 23.04 0.59 15.90
N THR A 164 22.02 0.88 15.08
CA THR A 164 22.11 0.53 13.66
C THR A 164 23.21 1.29 12.96
N ALA A 165 23.35 2.57 13.29
CA ALA A 165 24.42 3.38 12.69
C ALA A 165 25.78 2.76 12.98
N GLU A 166 25.95 2.29 14.24
CA GLU A 166 27.24 1.68 14.57
C GLU A 166 27.53 0.43 13.78
N VAL A 167 26.52 -0.38 13.50
CA VAL A 167 26.69 -1.59 12.72
C VAL A 167 27.12 -1.22 11.30
N LEU A 168 26.54 -0.13 10.79
CA LEU A 168 26.90 0.33 9.44
C LEU A 168 28.35 0.80 9.42
N GLU A 169 28.74 1.54 10.45
CA GLU A 169 30.15 2.03 10.50
C GLU A 169 31.07 0.83 10.64
N GLU A 170 30.68 -0.19 11.39
CA GLU A 170 31.47 -1.41 11.55
C GLU A 170 31.64 -2.11 10.19
N GLY A 172 31.94 -0.59 7.42
CA GLY A 172 32.80 0.30 6.67
C GLY A 172 32.13 1.49 6.05
N ALA A 173 30.84 1.69 6.23
CA ALA A 173 30.14 2.81 5.65
C ALA A 173 30.33 4.11 6.44
N GLU A 174 30.10 5.22 5.75
CA GLU A 174 30.11 6.53 6.41
C GLU A 174 28.62 6.82 6.72
N HIS A 175 28.22 6.59 7.95
CA HIS A 175 26.82 6.80 8.30
C HIS A 175 26.56 8.29 8.52
N VAL A 176 25.63 8.83 7.77
CA VAL A 176 25.26 10.25 7.86
C VAL A 176 23.90 10.44 8.52
N PRO A 177 23.85 10.90 9.76
CA PRO A 177 22.57 11.15 10.44
C PRO A 177 21.68 11.97 9.53
N CYS A 178 20.40 11.61 9.40
CA CYS A 178 19.48 12.27 8.50
C CYS A 178 18.04 12.18 9.00
N PRO A 179 17.29 13.26 8.95
CA PRO A 179 15.90 13.26 9.42
C PRO A 179 14.94 12.64 8.42
N VAL A 180 13.69 12.42 8.80
CA VAL A 180 12.74 11.76 7.90
C VAL A 180 12.45 12.49 6.61
N ASP A 181 12.55 13.84 6.60
CA ASP A 181 12.25 14.63 5.44
C ASP A 181 13.44 14.95 4.56
N ASP A 182 14.58 14.31 4.74
CA ASP A 182 15.72 14.60 3.88
C ASP A 182 16.30 13.27 3.37
N ILE A 183 17.25 13.44 2.47
CA ILE A 183 17.91 12.25 1.90
C ILE A 183 19.42 12.42 2.02
N VAL A 184 20.13 11.32 1.82
CA VAL A 184 21.61 11.31 1.82
C VAL A 184 22.02 10.75 0.47
N VAL A 185 22.97 11.45 -0.20
CA VAL A 185 23.40 10.96 -1.50
C VAL A 185 24.91 10.74 -1.56
N ASP A 186 25.34 9.59 -2.06
CA ASP A 186 26.79 9.33 -2.28
C ASP A 186 26.87 9.74 -3.77
N GLU A 187 27.38 10.98 -4.00
CA GLU A 187 27.32 11.51 -5.35
C GLU A 187 28.16 10.80 -6.40
N ASP A 188 29.35 10.40 -6.00
CA ASP A 188 30.27 9.70 -6.89
C ASP A 188 29.73 8.34 -7.34
N ASN A 189 28.92 7.71 -6.46
CA ASN A 189 28.40 6.38 -6.80
C ASN A 189 26.93 6.35 -7.12
N LYS A 190 26.27 7.51 -7.13
CA LYS A 190 24.89 7.71 -7.46
C LYS A 190 23.98 6.82 -6.59
N ILE A 191 24.18 6.88 -5.31
CA ILE A 191 23.39 6.12 -4.33
C ILE A 191 22.60 7.10 -3.46
N VAL A 192 21.27 6.88 -3.41
CA VAL A 192 20.40 7.78 -2.63
C VAL A 192 19.69 6.99 -1.53
N THR A 193 19.85 7.46 -0.28
CA THR A 193 19.17 6.77 0.84
C THR A 193 18.31 7.73 1.65
N THR A 194 17.28 7.21 2.31
CA THR A 194 16.42 8.08 3.15
C THR A 194 15.87 7.21 4.27
N PRO A 195 15.51 7.73 5.45
CA PRO A 195 15.10 6.84 6.53
C PRO A 195 13.72 6.26 6.45
N ALA A 196 12.77 6.95 5.84
CA ALA A 196 11.36 6.47 5.78
C ALA A 196 10.91 5.97 7.13
N TYR A 197 10.31 4.78 7.28
CA TYR A 197 9.81 4.36 8.59
C TYR A 197 10.82 4.05 9.65
N LEU A 199 12.28 6.37 10.89
CA LEU A 199 11.90 7.53 11.72
C LEU A 199 10.51 8.09 11.51
N ALA A 200 9.81 7.87 10.40
CA ALA A 200 8.53 8.51 10.18
C ALA A 200 7.52 8.21 11.29
N GLN A 201 6.78 9.23 11.70
CA GLN A 201 5.73 9.04 12.73
C GLN A 201 4.36 8.83 12.14
N ASN A 202 4.26 9.16 10.83
CA ASN A 202 3.03 8.98 10.08
C ASN A 202 3.32 8.87 8.58
N ILE A 203 2.27 8.55 7.84
CA ILE A 203 2.48 8.32 6.39
C ILE A 203 2.83 9.58 5.63
N ALA A 204 2.30 10.73 6.07
CA ALA A 204 2.71 11.98 5.38
C ALA A 204 4.21 12.21 5.55
N GLU A 205 4.81 11.94 6.72
CA GLU A 205 6.24 12.13 6.90
C GLU A 205 7.03 11.17 5.99
N ALA A 206 6.57 9.91 5.96
CA ALA A 206 7.26 8.94 5.07
C ALA A 206 7.20 9.40 3.62
N ALA A 207 6.07 9.92 3.19
CA ALA A 207 5.93 10.38 1.80
C ALA A 207 6.88 11.55 1.54
N SER A 208 7.07 12.40 2.54
CA SER A 208 7.97 13.54 2.28
C SER A 208 9.38 13.10 1.95
N GLY A 209 9.97 12.17 2.74
CA GLY A 209 11.32 11.71 2.42
C GLY A 209 11.34 10.90 1.13
N ILE A 210 10.33 10.04 0.95
CA ILE A 210 10.31 9.17 -0.25
C ILE A 210 10.19 9.99 -1.52
N ASP A 211 9.34 11.01 -1.53
CA ASP A 211 9.23 11.85 -2.74
C ASP A 211 10.60 12.47 -3.03
N LYS A 212 11.33 12.90 -2.02
CA LYS A 212 12.67 13.51 -2.28
C LYS A 212 13.63 12.52 -2.87
N LEU A 213 13.59 11.27 -2.35
CA LEU A 213 14.49 10.25 -2.88
C LEU A 213 14.15 9.93 -4.32
N VAL A 214 12.88 9.75 -4.65
CA VAL A 214 12.47 9.39 -5.98
C VAL A 214 12.84 10.52 -6.97
N SER A 215 12.56 11.74 -6.51
CA SER A 215 12.93 12.89 -7.36
C SER A 215 14.44 12.90 -7.61
N ARG A 216 15.28 12.72 -6.62
CA ARG A 216 16.75 12.73 -6.85
C ARG A 216 17.15 11.57 -7.74
N VAL A 217 16.57 10.37 -7.54
CA VAL A 217 16.92 9.24 -8.42
C VAL A 217 16.59 9.52 -9.87
N LEU A 218 15.44 10.14 -10.10
CA LEU A 218 14.99 10.47 -11.45
C LEU A 218 15.91 11.53 -12.06
N VAL A 219 16.30 12.53 -11.30
CA VAL A 219 17.24 13.54 -11.85
C VAL A 219 18.54 12.86 -12.24
N LEU A 220 19.07 12.06 -11.33
CA LEU A 220 20.29 11.30 -11.59
C LEU A 220 20.12 10.39 -12.80
N ALA A 221 18.94 9.84 -13.07
CA ALA A 221 18.76 8.98 -14.23
C ALA A 221 18.65 9.84 -15.50
N GLU A 222 18.07 11.02 -15.38
CA GLU A 222 17.95 11.93 -16.50
C GLU A 222 19.35 12.46 -16.89
N LYS B 7 -10.02 15.66 13.55
CA LYS B 7 -11.06 14.80 13.04
C LYS B 7 -10.58 13.33 12.96
N LYS B 8 -11.51 12.46 13.28
CA LYS B 8 -11.30 11.02 13.29
C LYS B 8 -12.08 10.37 12.16
N ILE B 9 -11.33 9.80 11.20
CA ILE B 9 -11.93 9.18 10.02
C ILE B 9 -11.82 7.66 10.09
N GLY B 10 -12.96 6.98 10.17
CA GLY B 10 -12.91 5.49 10.25
C GLY B 10 -12.66 5.00 8.82
N VAL B 11 -11.75 4.04 8.70
CA VAL B 11 -11.36 3.46 7.41
C VAL B 11 -11.63 1.98 7.55
N ILE B 12 -12.51 1.45 6.70
CA ILE B 12 -12.87 0.03 6.84
C ILE B 12 -12.19 -0.81 5.77
N LEU B 13 -11.41 -1.77 6.23
CA LEU B 13 -10.67 -2.64 5.29
C LEU B 13 -11.30 -3.99 5.18
N SER B 14 -10.86 -4.77 4.17
CA SER B 14 -11.48 -6.08 3.96
C SER B 14 -10.47 -7.17 3.67
N GLY B 15 -9.21 -6.91 3.93
CA GLY B 15 -8.11 -7.86 3.67
C GLY B 15 -6.94 -7.03 3.10
N CYS B 16 -5.97 -7.72 2.50
CA CYS B 16 -4.80 -6.97 1.96
C CYS B 16 -4.45 -7.41 0.55
N GLY B 17 -5.11 -6.84 -0.46
CA GLY B 17 -4.83 -7.15 -1.85
C GLY B 17 -6.12 -7.13 -2.66
N VAL B 18 -6.03 -6.52 -3.84
CA VAL B 18 -7.15 -6.31 -4.71
C VAL B 18 -8.08 -7.49 -4.92
N TYR B 19 -7.60 -8.71 -5.16
CA TYR B 19 -8.52 -9.82 -5.41
C TYR B 19 -9.20 -10.48 -4.25
N ASP B 20 -8.71 -10.32 -3.01
CA ASP B 20 -9.39 -11.04 -1.92
C ASP B 20 -9.59 -10.13 -0.71
N GLY B 21 -9.20 -8.87 -0.85
CA GLY B 21 -9.26 -7.93 0.27
C GLY B 21 -9.33 -6.50 -0.25
N SER B 22 -8.74 -5.56 0.50
CA SER B 22 -8.75 -4.16 0.10
C SER B 22 -7.69 -3.89 -0.97
N GLU B 23 -8.02 -3.04 -1.92
CA GLU B 23 -7.07 -2.62 -3.00
C GLU B 23 -5.99 -1.85 -2.24
N ILE B 24 -4.78 -2.40 -2.25
CA ILE B 24 -3.67 -1.84 -1.50
C ILE B 24 -3.40 -0.40 -1.87
N HIS B 25 -3.33 -0.12 -3.18
CA HIS B 25 -3.07 1.29 -3.53
C HIS B 25 -4.18 2.21 -3.02
N GLU B 26 -5.44 1.78 -3.20
CA GLU B 26 -6.52 2.64 -2.73
C GLU B 26 -6.48 2.85 -1.23
N ALA B 27 -6.21 1.82 -0.47
CA ALA B 27 -6.16 1.97 1.01
C ALA B 27 -5.01 2.89 1.40
N VAL B 28 -3.83 2.72 0.89
CA VAL B 28 -2.68 3.56 1.22
C VAL B 28 -2.91 4.98 0.73
N LEU B 29 -3.52 5.18 -0.43
CA LEU B 29 -3.75 6.59 -0.88
C LEU B 29 -4.78 7.27 -0.01
N THR B 30 -5.76 6.52 0.48
CA THR B 30 -6.78 7.08 1.39
C THR B 30 -6.09 7.47 2.69
N LEU B 31 -5.21 6.62 3.22
CA LEU B 31 -4.49 6.98 4.44
C LEU B 31 -3.58 8.18 4.22
N LEU B 32 -2.96 8.25 3.04
CA LEU B 32 -2.08 9.42 2.78
C LEU B 32 -2.87 10.74 2.79
N ALA B 33 -3.99 10.74 2.09
CA ALA B 33 -4.83 11.97 2.06
C ALA B 33 -5.30 12.35 3.44
N ILE B 34 -5.78 11.39 4.23
CA ILE B 34 -6.21 11.68 5.61
C ILE B 34 -5.07 12.31 6.42
N SER B 35 -3.88 11.72 6.40
CA SER B 35 -2.74 12.19 7.13
C SER B 35 -2.31 13.59 6.65
N ARG B 36 -2.16 13.74 5.34
CA ARG B 36 -1.75 15.03 4.77
C ARG B 36 -2.65 16.17 5.23
N SER B 37 -3.93 15.86 5.42
CA SER B 37 -4.93 16.81 5.85
C SER B 37 -4.97 17.07 7.34
N GLY B 38 -4.14 16.39 8.10
CA GLY B 38 -4.02 16.52 9.53
C GLY B 38 -5.08 15.80 10.36
N ALA B 39 -5.82 14.90 9.73
CA ALA B 39 -6.84 14.11 10.39
C ALA B 39 -6.27 12.74 10.80
N GLN B 40 -6.96 12.07 11.71
CA GLN B 40 -6.52 10.79 12.24
C GLN B 40 -7.28 9.66 11.59
N ALA B 41 -6.56 8.67 11.01
CA ALA B 41 -7.33 7.54 10.44
C ALA B 41 -7.45 6.48 11.54
N VAL B 42 -8.65 5.97 11.74
CA VAL B 42 -8.99 4.94 12.76
C VAL B 42 -9.51 3.76 11.92
N CYS B 43 -8.63 2.76 11.80
CA CYS B 43 -8.92 1.63 10.95
C CYS B 43 -9.52 0.42 11.62
N PHE B 44 -10.43 -0.22 10.87
CA PHE B 44 -11.12 -1.41 11.35
C PHE B 44 -11.16 -2.45 10.21
N ALA B 45 -11.55 -3.66 10.58
CA ALA B 45 -11.80 -4.74 9.64
C ALA B 45 -12.54 -5.86 10.38
N PRO B 46 -13.48 -6.50 9.71
CA PRO B 46 -14.26 -7.56 10.37
C PRO B 46 -13.35 -8.70 10.77
N ASP B 47 -13.52 -9.20 12.01
CA ASP B 47 -12.66 -10.28 12.50
C ASP B 47 -13.27 -11.62 12.09
N LYS B 48 -13.05 -12.00 10.85
CA LYS B 48 -13.57 -13.25 10.31
C LYS B 48 -12.69 -13.76 9.17
N GLN B 49 -12.93 -15.01 8.80
CA GLN B 49 -12.11 -15.58 7.72
C GLN B 49 -12.47 -15.00 6.37
N GLN B 50 -11.46 -14.77 5.53
CA GLN B 50 -11.72 -14.30 4.17
C GLN B 50 -12.55 -15.35 3.41
N VAL B 51 -13.36 -14.93 2.44
CA VAL B 51 -14.10 -15.98 1.71
C VAL B 51 -13.17 -16.78 0.84
N ASP B 52 -12.00 -16.25 0.46
CA ASP B 52 -11.04 -16.99 -0.34
C ASP B 52 -9.66 -16.32 -0.23
N VAL B 53 -8.65 -16.99 -0.78
CA VAL B 53 -7.30 -16.46 -0.77
C VAL B 53 -6.84 -16.50 -2.22
N ILE B 54 -6.54 -15.37 -2.85
CA ILE B 54 -6.16 -15.44 -4.26
C ILE B 54 -4.68 -15.24 -4.51
N ASN B 55 -4.09 -16.08 -5.38
CA ASN B 55 -2.67 -15.90 -5.75
C ASN B 55 -2.64 -14.70 -6.66
N HIS B 56 -2.06 -13.53 -6.27
CA HIS B 56 -2.13 -12.35 -7.13
C HIS B 56 -1.22 -12.38 -8.36
N LEU B 57 -0.31 -13.34 -8.40
CA LEU B 57 0.59 -13.52 -9.54
C LEU B 57 -0.13 -14.27 -10.66
N THR B 58 -0.97 -15.25 -10.29
CA THR B 58 -1.69 -16.06 -11.26
C THR B 58 -3.17 -15.79 -11.37
N GLY B 59 -3.78 -15.17 -10.37
CA GLY B 59 -5.20 -14.88 -10.34
C GLY B 59 -6.04 -16.06 -9.85
N GLU B 60 -5.41 -17.17 -9.51
CA GLU B 60 -6.14 -18.34 -9.06
C GLU B 60 -6.29 -18.50 -7.56
N ALA B 61 -7.38 -19.18 -7.19
CA ALA B 61 -7.65 -19.43 -5.76
C ALA B 61 -6.57 -20.34 -5.18
N THR B 63 -5.26 -22.87 -1.86
CA THR B 63 -5.80 -23.80 -0.89
C THR B 63 -5.29 -23.53 0.52
N GLU B 64 -5.67 -22.35 1.05
CA GLU B 64 -5.30 -21.94 2.37
C GLU B 64 -6.36 -20.95 2.92
N THR B 65 -6.26 -20.67 4.21
CA THR B 65 -7.24 -19.72 4.78
C THR B 65 -6.51 -18.59 5.46
N ARG B 66 -7.13 -17.40 5.42
CA ARG B 66 -6.60 -16.18 6.01
C ARG B 66 -7.77 -15.40 6.64
N ASN B 67 -7.41 -14.69 7.69
CA ASN B 67 -8.35 -13.87 8.46
C ASN B 67 -8.34 -12.43 7.93
N VAL B 68 -9.50 -11.88 7.69
CA VAL B 68 -9.60 -10.48 7.15
C VAL B 68 -8.83 -9.47 7.96
N LEU B 69 -9.05 -9.44 9.27
CA LEU B 69 -8.38 -8.46 10.15
C LEU B 69 -6.90 -8.68 10.25
N ILE B 70 -6.45 -9.93 10.36
CA ILE B 70 -5.01 -10.22 10.43
C ILE B 70 -4.33 -9.69 9.17
N GLU B 71 -4.95 -9.96 8.00
CA GLU B 71 -4.37 -9.50 6.74
C GLU B 71 -4.45 -7.97 6.61
N ALA B 72 -5.57 -7.42 6.99
CA ALA B 72 -5.68 -5.94 6.86
C ALA B 72 -4.69 -5.22 7.76
N ALA B 73 -4.23 -5.81 8.84
CA ALA B 73 -3.24 -5.25 9.71
C ALA B 73 -1.92 -4.97 9.00
N ARG B 74 -1.64 -5.68 7.88
CA ARG B 74 -0.42 -5.41 7.15
C ARG B 74 -0.48 -3.99 6.57
N ILE B 75 -1.60 -3.53 6.06
CA ILE B 75 -1.74 -2.19 5.44
C ILE B 75 -1.58 -1.08 6.46
N THR B 76 -2.00 -1.33 7.70
CA THR B 76 -1.96 -0.33 8.75
C THR B 76 -0.83 -0.47 9.75
N ARG B 77 0.18 -1.31 9.47
CA ARG B 77 1.31 -1.49 10.37
C ARG B 77 0.81 -1.90 11.77
N GLY B 78 -0.23 -2.74 11.80
CA GLY B 78 -0.81 -3.23 13.07
C GLY B 78 -1.81 -2.29 13.68
N GLU B 79 -1.95 -1.05 13.24
CA GLU B 79 -2.90 -0.10 13.87
C GLU B 79 -4.30 -0.27 13.30
N ILE B 80 -4.97 -1.32 13.81
CA ILE B 80 -6.31 -1.66 13.37
C ILE B 80 -7.04 -2.47 14.42
N ARG B 81 -8.35 -2.36 14.42
CA ARG B 81 -9.14 -3.17 15.39
C ARG B 81 -10.28 -3.88 14.71
N PRO B 82 -10.83 -4.92 15.36
CA PRO B 82 -12.01 -5.60 14.89
C PRO B 82 -13.11 -4.58 14.65
N LEU B 83 -13.91 -4.73 13.60
CA LEU B 83 -15.02 -3.88 13.24
C LEU B 83 -16.06 -3.81 14.38
N ALA B 84 -16.10 -4.88 15.18
CA ALA B 84 -17.02 -4.91 16.34
C ALA B 84 -16.72 -3.75 17.28
N GLN B 85 -15.49 -3.31 17.39
CA GLN B 85 -15.08 -2.22 18.26
C GLN B 85 -15.31 -0.84 17.68
N ALA B 86 -15.84 -0.71 16.46
CA ALA B 86 -16.07 0.64 15.91
C ALA B 86 -17.32 1.27 16.55
N ASP B 87 -17.19 2.54 16.92
CA ASP B 87 -18.37 3.22 17.55
C ASP B 87 -18.60 4.50 16.78
N ALA B 88 -19.75 4.67 16.17
CA ALA B 88 -20.07 5.87 15.40
C ALA B 88 -19.92 7.16 16.19
N ALA B 89 -20.12 7.10 17.50
CA ALA B 89 -20.00 8.28 18.35
C ALA B 89 -18.58 8.78 18.51
N GLU B 90 -17.58 7.95 18.17
CA GLU B 90 -16.18 8.33 18.26
C GLU B 90 -15.59 8.63 16.89
N LEU B 91 -16.42 8.72 15.85
CA LEU B 91 -15.86 9.02 14.52
C LEU B 91 -16.56 10.19 13.85
N ASP B 92 -15.88 10.92 12.98
CA ASP B 92 -16.44 12.07 12.28
C ASP B 92 -16.82 11.79 10.84
N ALA B 93 -16.27 10.71 10.28
CA ALA B 93 -16.53 10.34 8.90
C ALA B 93 -16.10 8.86 8.71
N LEU B 94 -16.63 8.23 7.67
CA LEU B 94 -16.29 6.83 7.40
C LEU B 94 -15.90 6.70 5.94
N ILE B 95 -14.79 6.01 5.64
CA ILE B 95 -14.34 5.83 4.26
C ILE B 95 -14.10 4.34 4.03
N VAL B 96 -14.58 3.86 2.89
CA VAL B 96 -14.40 2.45 2.57
C VAL B 96 -13.68 2.29 1.24
N PRO B 97 -12.38 1.96 1.29
CA PRO B 97 -11.62 1.74 0.06
C PRO B 97 -12.20 0.51 -0.65
N GLY B 98 -11.81 0.36 -1.92
CA GLY B 98 -12.30 -0.72 -2.72
C GLY B 98 -11.52 -2.00 -2.67
N GLY B 99 -11.47 -2.68 -3.83
CA GLY B 99 -10.84 -4.00 -3.90
C GLY B 99 -12.01 -5.01 -3.91
N PHE B 100 -11.74 -6.21 -4.36
CA PHE B 100 -12.74 -7.26 -4.43
C PHE B 100 -13.19 -7.65 -3.03
N GLY B 101 -12.39 -7.43 -1.99
CA GLY B 101 -12.79 -7.72 -0.63
C GLY B 101 -14.08 -7.00 -0.27
N ALA B 102 -14.33 -5.82 -0.84
CA ALA B 102 -15.54 -5.09 -0.59
C ALA B 102 -16.79 -5.87 -1.03
N ALA B 103 -16.64 -6.62 -2.12
CA ALA B 103 -17.74 -7.40 -2.68
C ALA B 103 -17.66 -8.86 -2.26
N LYS B 104 -16.73 -9.25 -1.41
CA LYS B 104 -16.56 -10.60 -0.94
C LYS B 104 -16.58 -10.78 0.57
N ASN B 105 -15.97 -9.85 1.28
CA ASN B 105 -15.86 -9.89 2.71
C ASN B 105 -16.69 -8.83 3.40
N LEU B 106 -16.95 -7.71 2.77
CA LEU B 106 -17.79 -6.70 3.44
C LEU B 106 -19.25 -6.93 3.02
N SER B 107 -19.42 -7.69 1.95
CA SER B 107 -20.75 -8.01 1.40
C SER B 107 -20.56 -9.22 0.47
N ASN B 108 -21.62 -9.76 -0.08
CA ASN B 108 -21.41 -10.89 -1.01
C ASN B 108 -21.84 -10.45 -2.41
N PHE B 109 -21.70 -9.16 -2.72
CA PHE B 109 -22.04 -8.63 -4.03
C PHE B 109 -21.40 -9.34 -5.20
N ALA B 110 -20.18 -9.82 -5.06
CA ALA B 110 -19.48 -10.51 -6.14
C ALA B 110 -20.20 -11.78 -6.57
N SER B 111 -20.94 -12.42 -5.66
CA SER B 111 -21.62 -13.66 -6.01
C SER B 111 -23.13 -13.52 -6.08
N LEU B 112 -23.70 -12.49 -5.44
CA LEU B 112 -25.16 -12.35 -5.46
C LEU B 112 -25.68 -11.18 -6.23
N GLY B 113 -24.87 -10.21 -6.61
CA GLY B 113 -25.32 -9.04 -7.35
C GLY B 113 -26.36 -8.24 -6.58
N SER B 114 -27.51 -7.99 -7.20
CA SER B 114 -28.60 -7.23 -6.61
C SER B 114 -29.32 -7.91 -5.46
N GLU B 115 -29.01 -9.17 -5.19
CA GLU B 115 -29.60 -9.92 -4.10
C GLU B 115 -28.63 -10.09 -2.93
N CYS B 116 -27.50 -9.39 -2.98
CA CYS B 116 -26.51 -9.50 -1.92
C CYS B 116 -26.95 -8.87 -0.61
N THR B 117 -26.19 -9.17 0.44
CA THR B 117 -26.35 -8.66 1.78
C THR B 117 -24.97 -8.13 2.26
N VAL B 118 -25.01 -7.19 3.18
CA VAL B 118 -23.84 -6.56 3.75
C VAL B 118 -23.46 -7.02 5.14
N ASP B 119 -22.16 -7.01 5.44
CA ASP B 119 -21.69 -7.39 6.78
C ASP B 119 -22.55 -6.64 7.78
N ARG B 120 -23.11 -7.34 8.76
CA ARG B 120 -24.00 -6.68 9.74
C ARG B 120 -23.32 -5.62 10.56
N GLU B 121 -22.07 -5.84 10.98
CA GLU B 121 -21.39 -4.80 11.76
C GLU B 121 -21.16 -3.57 10.88
N LEU B 122 -20.84 -3.77 9.58
CA LEU B 122 -20.64 -2.60 8.72
C LEU B 122 -21.94 -1.84 8.49
N LYS B 123 -23.03 -2.57 8.20
CA LYS B 123 -24.32 -1.99 7.94
C LYS B 123 -24.82 -1.16 9.12
N ALA B 124 -24.67 -1.70 10.33
CA ALA B 124 -25.13 -0.96 11.53
C ALA B 124 -24.31 0.31 11.70
N LEU B 125 -22.98 0.17 11.48
CA LEU B 125 -22.10 1.31 11.63
C LEU B 125 -22.42 2.39 10.64
N ALA B 126 -22.56 2.08 9.35
CA ALA B 126 -22.87 3.10 8.35
C ALA B 126 -24.24 3.75 8.64
N GLN B 127 -25.20 2.94 9.07
CA GLN B 127 -26.53 3.49 9.38
C GLN B 127 -26.44 4.46 10.55
N ALA B 128 -25.67 4.15 11.58
CA ALA B 128 -25.53 5.04 12.74
C ALA B 128 -24.85 6.33 12.32
N HIS B 130 -24.87 7.76 9.33
CA HIS B 130 -25.82 8.53 8.56
C HIS B 130 -26.90 9.19 9.42
N GLN B 131 -27.31 8.53 10.49
CA GLN B 131 -28.33 9.11 11.38
C GLN B 131 -27.77 10.28 12.16
N ALA B 132 -26.45 10.31 12.39
CA ALA B 132 -25.83 11.41 13.12
C ALA B 132 -25.43 12.55 12.18
N GLY B 133 -25.68 12.42 10.88
CA GLY B 133 -25.32 13.40 9.88
C GLY B 133 -23.82 13.45 9.59
N LYS B 134 -23.14 12.34 9.66
CA LYS B 134 -21.68 12.23 9.39
C LYS B 134 -21.48 11.67 7.99
N PRO B 135 -20.49 12.17 7.24
CA PRO B 135 -20.25 11.74 5.89
C PRO B 135 -19.61 10.37 5.69
N LEU B 136 -20.01 9.73 4.60
CA LEU B 136 -19.48 8.42 4.22
C LEU B 136 -18.86 8.54 2.83
N GLY B 137 -17.75 7.82 2.64
CA GLY B 137 -17.03 7.84 1.36
C GLY B 137 -16.73 6.39 0.95
N PHE B 138 -17.24 6.00 -0.22
CA PHE B 138 -17.08 4.66 -0.76
C PHE B 138 -16.45 4.77 -2.16
N ILE B 141 -15.64 -0.60 -6.22
CA ILE B 141 -16.88 -1.39 -6.25
C ILE B 141 -17.63 -1.30 -4.93
N ALA B 142 -17.07 -0.60 -3.94
CA ALA B 142 -17.71 -0.45 -2.64
C ALA B 142 -19.09 0.16 -2.65
N PRO B 143 -19.36 1.13 -3.50
CA PRO B 143 -20.68 1.78 -3.57
C PRO B 143 -21.80 0.82 -3.84
N ALA B 144 -21.55 -0.34 -4.42
CA ALA B 144 -22.53 -1.35 -4.72
C ALA B 144 -23.26 -1.82 -3.48
N LEU B 146 -24.18 0.20 -1.04
CA LEU B 146 -25.05 1.28 -0.59
C LEU B 146 -26.52 1.03 -0.65
N PRO B 147 -27.08 0.55 -1.75
CA PRO B 147 -28.52 0.26 -1.82
C PRO B 147 -28.93 -0.85 -0.89
N LYS B 148 -28.00 -1.63 -0.31
CA LYS B 148 -28.32 -2.65 0.65
C LYS B 148 -28.12 -2.18 2.08
N ILE B 149 -27.44 -1.06 2.29
CA ILE B 149 -27.25 -0.54 3.64
C ILE B 149 -28.39 0.45 3.94
N PHE B 150 -28.67 1.28 2.94
CA PHE B 150 -29.69 2.30 3.05
C PHE B 150 -30.96 1.98 2.28
N ASP B 151 -32.07 2.00 3.01
CA ASP B 151 -33.37 1.70 2.42
C ASP B 151 -34.05 2.99 1.98
N PHE B 152 -33.43 3.66 1.03
CA PHE B 152 -33.81 4.90 0.41
C PHE B 152 -32.82 5.13 -0.75
N PRO B 153 -33.27 5.76 -1.81
CA PRO B 153 -32.47 6.00 -2.99
C PRO B 153 -31.29 6.93 -2.79
N LEU B 154 -30.19 6.65 -3.52
CA LEU B 154 -28.99 7.46 -3.43
C LEU B 154 -28.32 7.71 -4.77
N ARG B 155 -27.76 8.91 -4.96
CA ARG B 155 -27.01 9.12 -6.23
C ARG B 155 -25.57 8.62 -5.93
N LEU B 156 -25.10 7.72 -6.77
CA LEU B 156 -23.78 7.11 -6.59
C LEU B 156 -23.11 6.84 -7.94
N THR B 157 -21.86 6.36 -7.87
CA THR B 157 -21.12 6.04 -9.07
C THR B 157 -20.11 4.92 -8.83
N ILE B 158 -19.88 4.14 -9.87
CA ILE B 158 -18.89 3.07 -9.84
C ILE B 158 -17.97 3.30 -11.04
N GLY B 159 -18.15 4.45 -11.68
CA GLY B 159 -17.43 4.86 -12.86
C GLY B 159 -18.36 4.91 -14.07
N THR B 160 -18.04 4.13 -15.10
CA THR B 160 -18.85 4.11 -16.33
C THR B 160 -19.28 2.72 -16.76
N ASP B 161 -18.88 1.66 -16.07
CA ASP B 161 -19.23 0.32 -16.47
C ASP B 161 -20.76 0.17 -16.56
N ILE B 162 -21.19 -0.15 -17.79
CA ILE B 162 -22.61 -0.30 -18.06
C ILE B 162 -23.27 -1.44 -17.31
N ASP B 163 -22.62 -2.60 -17.28
CA ASP B 163 -23.26 -3.73 -16.58
C ASP B 163 -23.33 -3.47 -15.08
N THR B 164 -22.23 -2.99 -14.48
CA THR B 164 -22.27 -2.73 -13.04
C THR B 164 -23.29 -1.63 -12.75
N ALA B 165 -23.32 -0.60 -13.57
CA ALA B 165 -24.27 0.51 -13.43
C ALA B 165 -25.71 0.00 -13.45
N GLU B 166 -25.98 -0.94 -14.33
CA GLU B 166 -27.30 -1.55 -14.46
C GLU B 166 -27.73 -2.25 -13.18
N VAL B 167 -26.80 -3.01 -12.61
CA VAL B 167 -27.07 -3.74 -11.36
C VAL B 167 -27.38 -2.76 -10.24
N LEU B 168 -26.68 -1.64 -10.16
CA LEU B 168 -26.93 -0.64 -9.11
C LEU B 168 -28.32 -0.03 -9.27
N GLU B 169 -28.72 0.27 -10.50
CA GLU B 169 -30.02 0.84 -10.80
C GLU B 169 -31.11 -0.18 -10.47
N GLU B 170 -30.84 -1.47 -10.70
CA GLU B 170 -31.79 -2.52 -10.37
C GLU B 170 -32.02 -2.59 -8.87
N GLY B 172 -32.18 0.05 -7.04
CA GLY B 172 -32.84 1.28 -6.66
C GLY B 172 -32.01 2.53 -6.63
N ALA B 173 -30.73 2.47 -6.97
CA ALA B 173 -29.90 3.67 -6.95
C ALA B 173 -29.94 4.41 -8.29
N GLU B 174 -29.55 5.66 -8.24
CA GLU B 174 -29.41 6.51 -9.40
C GLU B 174 -27.90 6.54 -9.72
N HIS B 175 -27.51 5.76 -10.74
CA HIS B 175 -26.10 5.73 -11.11
C HIS B 175 -25.75 6.95 -11.95
N VAL B 176 -24.65 7.60 -11.59
CA VAL B 176 -24.16 8.78 -12.26
C VAL B 176 -22.77 8.51 -12.83
N PRO B 177 -22.63 8.47 -14.14
CA PRO B 177 -21.35 8.22 -14.79
C PRO B 177 -20.32 9.23 -14.30
N CYS B 178 -19.13 8.72 -14.00
CA CYS B 178 -18.06 9.58 -13.47
C CYS B 178 -16.71 9.07 -13.92
N PRO B 179 -15.83 9.98 -14.35
CA PRO B 179 -14.48 9.62 -14.76
C PRO B 179 -13.60 9.41 -13.53
N VAL B 180 -12.40 8.87 -13.71
CA VAL B 180 -11.50 8.58 -12.60
C VAL B 180 -11.07 9.76 -11.76
N ASP B 181 -10.99 10.96 -12.34
CA ASP B 181 -10.54 12.12 -11.60
C ASP B 181 -11.65 12.95 -10.99
N ASP B 182 -12.84 12.38 -10.86
CA ASP B 182 -13.94 13.16 -10.26
C ASP B 182 -14.69 12.33 -9.23
N ILE B 183 -15.64 12.94 -8.55
CA ILE B 183 -16.46 12.29 -7.54
C ILE B 183 -17.94 12.57 -7.81
N VAL B 184 -18.80 11.81 -7.17
CA VAL B 184 -20.26 11.97 -7.22
C VAL B 184 -20.70 12.10 -5.75
N VAL B 185 -21.53 13.08 -5.44
CA VAL B 185 -21.95 13.31 -4.06
C VAL B 185 -23.47 13.33 -3.95
N ASP B 186 -24.00 12.61 -2.99
CA ASP B 186 -25.44 12.63 -2.70
C ASP B 186 -25.50 13.65 -1.55
N GLU B 187 -25.68 14.91 -1.95
CA GLU B 187 -25.64 16.03 -1.01
C GLU B 187 -26.53 15.93 0.19
N ASP B 188 -27.76 15.46 0.04
CA ASP B 188 -28.69 15.33 1.13
C ASP B 188 -28.30 14.26 2.13
N ASN B 189 -27.68 13.18 1.64
CA ASN B 189 -27.27 12.10 2.53
C ASN B 189 -25.76 12.08 2.80
N LYS B 190 -25.02 13.04 2.26
CA LYS B 190 -23.59 13.16 2.52
C LYS B 190 -22.81 11.89 2.21
N ILE B 191 -23.07 11.35 1.03
CA ILE B 191 -22.39 10.12 0.57
C ILE B 191 -21.56 10.50 -0.65
N VAL B 192 -20.25 10.28 -0.58
CA VAL B 192 -19.32 10.62 -1.65
C VAL B 192 -18.74 9.35 -2.28
N THR B 193 -18.81 9.25 -3.61
CA THR B 193 -18.29 8.05 -4.26
C THR B 193 -17.36 8.43 -5.40
N THR B 194 -16.39 7.57 -5.69
CA THR B 194 -15.42 7.78 -6.75
C THR B 194 -15.02 6.43 -7.33
N PRO B 195 -14.75 6.32 -8.63
CA PRO B 195 -14.45 5.06 -9.24
C PRO B 195 -13.13 4.40 -8.90
N ALA B 196 -12.07 5.16 -8.68
CA ALA B 196 -10.74 4.60 -8.40
C ALA B 196 -10.32 3.53 -9.38
N TYR B 197 -10.00 2.30 -8.97
CA TYR B 197 -9.51 1.27 -9.90
C TYR B 197 -10.55 0.63 -10.79
N LEU B 199 -11.75 2.38 -12.94
CA LEU B 199 -11.31 3.02 -14.17
C LEU B 199 -9.85 3.44 -14.24
N ALA B 200 -9.16 3.65 -13.12
CA ALA B 200 -7.79 4.12 -13.14
C ALA B 200 -6.89 3.21 -13.95
N GLN B 201 -6.04 3.86 -14.74
CA GLN B 201 -5.10 3.17 -15.60
C GLN B 201 -3.72 3.12 -14.96
N ASN B 202 -3.53 3.89 -13.89
CA ASN B 202 -2.29 3.91 -13.15
C ASN B 202 -2.57 4.48 -11.74
N ILE B 203 -1.53 4.42 -10.90
CA ILE B 203 -1.70 4.88 -9.52
C ILE B 203 -1.94 6.35 -9.38
N ALA B 204 -1.34 7.18 -10.23
CA ALA B 204 -1.56 8.62 -10.18
C ALA B 204 -3.04 8.94 -10.48
N GLU B 205 -3.61 8.22 -11.43
CA GLU B 205 -5.03 8.43 -11.78
C GLU B 205 -5.91 8.13 -10.58
N ALA B 206 -5.65 6.96 -9.98
CA ALA B 206 -6.39 6.56 -8.78
C ALA B 206 -6.29 7.63 -7.70
N ALA B 207 -5.08 8.15 -7.47
CA ALA B 207 -4.84 9.15 -6.46
C ALA B 207 -5.61 10.46 -6.67
N SER B 208 -5.78 10.88 -7.92
CA SER B 208 -6.49 12.15 -8.20
C SER B 208 -7.92 12.09 -7.73
N GLY B 209 -8.62 10.98 -7.96
CA GLY B 209 -9.99 10.80 -7.54
C GLY B 209 -10.10 10.59 -6.04
N ILE B 210 -9.21 9.76 -5.48
CA ILE B 210 -9.24 9.51 -4.02
C ILE B 210 -8.98 10.79 -3.26
N ASP B 211 -8.00 11.60 -3.68
CA ASP B 211 -7.72 12.87 -3.02
C ASP B 211 -8.96 13.77 -3.01
N LYS B 212 -9.70 13.80 -4.10
CA LYS B 212 -10.91 14.61 -4.19
C LYS B 212 -12.01 14.08 -3.27
N LEU B 213 -12.14 12.76 -3.20
CA LEU B 213 -13.12 12.11 -2.32
C LEU B 213 -12.82 12.43 -0.86
N VAL B 214 -11.55 12.23 -0.46
CA VAL B 214 -11.22 12.49 0.94
C VAL B 214 -11.43 13.96 1.30
N SER B 215 -11.04 14.84 0.40
CA SER B 215 -11.21 16.27 0.65
C SER B 215 -12.70 16.60 0.85
N ARG B 216 -13.56 16.12 -0.03
CA ARG B 216 -15.00 16.40 0.09
C ARG B 216 -15.55 15.84 1.38
N VAL B 217 -15.12 14.63 1.76
CA VAL B 217 -15.56 14.03 3.00
C VAL B 217 -15.15 14.86 4.21
N LEU B 218 -13.91 15.36 4.21
CA LEU B 218 -13.47 16.19 5.34
C LEU B 218 -14.26 17.49 5.42
N VAL B 219 -14.52 18.11 4.28
CA VAL B 219 -15.32 19.35 4.26
C VAL B 219 -16.70 19.06 4.85
N LEU B 220 -17.34 17.98 4.39
CA LEU B 220 -18.64 17.59 4.92
C LEU B 220 -18.55 17.32 6.41
N ALA B 221 -17.43 16.80 6.90
CA ALA B 221 -17.27 16.54 8.33
C ALA B 221 -17.24 17.88 9.09
#